data_3WCR
#
_entry.id   3WCR
#
_cell.length_a   68.856
_cell.length_b   68.856
_cell.length_c   242.539
_cell.angle_alpha   90.00
_cell.angle_beta   90.00
_cell.angle_gamma   90.00
#
_symmetry.space_group_name_H-M   'P 41 21 2'
#
loop_
_entity.id
_entity.type
_entity.pdbx_description
1 polymer Erythroagglutinin
2 non-polymer 2-acetamido-2-deoxy-beta-D-glucopyranose
3 non-polymer 'BROMIDE ION'
4 water water
#
_entity_poly.entity_id   1
_entity_poly.type   'polypeptide(L)'
_entity_poly.pdbx_seq_one_letter_code
;ASQTSFSFQRFNETNLILQRDATVSSKGQLRLTNVNDNGEPTLSSLGRAFYSAPIQIWDNTTGAVASFATSFTFNIDVPN
NSGPADGLAFVLLPVGSQPKDKGGLLGLFNNYKYDSNAHTVAVEFDTLYNVHWDPKPRHIGIDVNSIKSIKTTTWDFVKG
ENAEVLITYDSSTKLLVASLVYPSLKTSFIVSDTVDLKSVLPEWVIVGFTATTGITKGNVETNDILSWSFASKLSDGTTS
EALNLANFALNQIL
;
_entity_poly.pdbx_strand_id   A,B
#
# COMPACT_ATOMS: atom_id res chain seq x y z
N ALA A 1 -19.94 -13.47 2.19
CA ALA A 1 -21.43 -13.42 2.05
C ALA A 1 -21.89 -12.08 1.48
N SER A 2 -21.07 -11.05 1.63
CA SER A 2 -21.27 -9.79 0.91
C SER A 2 -19.98 -9.26 0.31
N GLN A 3 -20.04 -8.87 -0.95
CA GLN A 3 -18.93 -8.20 -1.65
C GLN A 3 -19.42 -7.01 -2.46
N THR A 4 -18.60 -5.97 -2.50
CA THR A 4 -18.85 -4.81 -3.35
C THR A 4 -17.54 -4.32 -3.94
N SER A 5 -17.62 -3.83 -5.17
CA SER A 5 -16.44 -3.45 -5.91
C SER A 5 -16.82 -2.51 -7.04
N PHE A 6 -16.00 -1.48 -7.23
CA PHE A 6 -16.14 -0.58 -8.37
C PHE A 6 -14.82 0.11 -8.65
N SER A 7 -14.68 0.58 -9.88
CA SER A 7 -13.46 1.23 -10.32
C SER A 7 -13.79 2.17 -11.47
N PHE A 8 -13.36 3.42 -11.34
CA PHE A 8 -13.56 4.42 -12.40
C PHE A 8 -12.28 5.18 -12.69
N GLN A 9 -11.94 5.28 -13.97
CA GLN A 9 -10.79 6.08 -14.42
C GLN A 9 -11.32 7.43 -14.86
N ARG A 10 -12.64 7.49 -15.02
CA ARG A 10 -13.35 8.66 -15.46
C ARG A 10 -14.59 8.69 -14.62
N PHE A 11 -14.80 9.78 -13.91
CA PHE A 11 -15.96 9.87 -13.07
C PHE A 11 -17.19 10.29 -13.85
N ASN A 12 -18.34 9.96 -13.29
CA ASN A 12 -19.60 10.39 -13.82
C ASN A 12 -20.56 10.58 -12.65
N GLU A 13 -21.38 11.64 -12.73
CA GLU A 13 -22.41 11.93 -11.76
C GLU A 13 -23.30 10.73 -11.43
N THR A 14 -23.55 9.89 -12.43
CA THR A 14 -24.67 8.94 -12.41
C THR A 14 -24.61 7.91 -11.28
N ASN A 15 -23.41 7.46 -10.93
CA ASN A 15 -23.23 6.50 -9.85
C ASN A 15 -22.50 7.10 -8.66
N LEU A 16 -22.42 8.42 -8.62
CA LEU A 16 -21.80 9.07 -7.48
C LEU A 16 -22.88 9.77 -6.69
N ILE A 17 -22.64 9.89 -5.39
CA ILE A 17 -23.38 10.83 -4.57
C ILE A 17 -22.42 11.99 -4.37
N LEU A 18 -22.68 13.08 -5.09
CA LEU A 18 -21.86 14.27 -5.01
C LEU A 18 -22.43 15.16 -3.93
N GLN A 19 -21.56 15.60 -3.04
CA GLN A 19 -21.98 16.52 -2.01
C GLN A 19 -21.15 17.78 -2.14
N ARG A 20 -21.85 18.91 -2.15
CA ARG A 20 -21.24 20.25 -2.11
C ARG A 20 -20.52 20.60 -3.41
N ASP A 21 -19.25 20.98 -3.31
CA ASP A 21 -18.52 21.51 -4.46
C ASP A 21 -18.00 20.43 -5.36
N ALA A 22 -18.09 19.19 -4.90
CA ALA A 22 -17.69 18.07 -5.71
C ALA A 22 -18.43 18.14 -7.03
N THR A 23 -17.66 18.18 -8.11
CA THR A 23 -18.24 18.06 -9.43
C THR A 23 -17.41 17.04 -10.17
N VAL A 24 -18.01 16.54 -11.25
CA VAL A 24 -17.31 15.80 -12.25
C VAL A 24 -17.13 16.72 -13.47
N SER A 25 -15.88 17.03 -13.81
CA SER A 25 -15.57 17.93 -14.91
C SER A 25 -15.88 17.26 -16.24
N SER A 26 -15.81 18.03 -17.32
CA SER A 26 -16.13 17.52 -18.64
C SER A 26 -15.09 16.48 -19.08
N LYS A 27 -13.94 16.51 -18.44
CA LYS A 27 -12.88 15.53 -18.69
C LYS A 27 -13.02 14.34 -17.74
N GLY A 28 -14.08 14.34 -16.94
CA GLY A 28 -14.39 13.24 -16.03
C GLY A 28 -13.51 13.13 -14.81
N GLN A 29 -12.97 14.27 -14.38
CA GLN A 29 -12.21 14.31 -13.14
C GLN A 29 -13.19 14.62 -12.03
N LEU A 30 -13.00 14.00 -10.87
CA LEU A 30 -13.80 14.34 -9.69
C LEU A 30 -13.09 15.48 -8.97
N ARG A 31 -13.60 16.67 -9.17
CA ARG A 31 -13.00 17.84 -8.56
C ARG A 31 -13.73 18.00 -7.25
N LEU A 32 -13.10 17.62 -6.16
CA LEU A 32 -13.76 17.63 -4.86
C LEU A 32 -14.03 19.05 -4.43
N THR A 33 -13.11 19.94 -4.74
CA THR A 33 -13.24 21.33 -4.33
C THR A 33 -13.31 22.20 -5.57
N ASN A 34 -13.78 23.41 -5.40
CA ASN A 34 -14.15 24.23 -6.53
C ASN A 34 -12.97 24.86 -7.25
N VAL A 35 -13.06 24.81 -8.58
CA VAL A 35 -12.15 25.54 -9.44
C VAL A 35 -12.98 26.47 -10.32
N ASN A 36 -12.63 27.76 -10.33
CA ASN A 36 -13.38 28.73 -11.14
C ASN A 36 -13.08 28.62 -12.64
N ASP A 37 -13.80 29.42 -13.43
CA ASP A 37 -13.61 29.42 -14.89
C ASP A 37 -12.21 29.88 -15.33
N ASN A 38 -11.63 30.81 -14.56
CA ASN A 38 -10.23 31.19 -14.73
C ASN A 38 -9.24 30.06 -14.52
N GLY A 39 -9.72 28.95 -13.95
CA GLY A 39 -8.86 27.80 -13.63
C GLY A 39 -8.18 27.91 -12.27
N GLU A 40 -8.71 28.77 -11.41
CA GLU A 40 -8.14 29.00 -10.09
C GLU A 40 -8.90 28.24 -9.01
N PRO A 41 -8.17 27.62 -8.07
CA PRO A 41 -8.85 26.99 -6.94
C PRO A 41 -9.33 28.06 -5.96
N THR A 42 -10.53 27.86 -5.43
CA THR A 42 -11.16 28.85 -4.59
C THR A 42 -11.07 28.45 -3.12
N LEU A 43 -11.01 29.45 -2.24
CA LEU A 43 -10.91 29.20 -0.81
C LEU A 43 -12.24 28.66 -0.26
N SER A 44 -12.18 28.16 0.97
CA SER A 44 -13.35 27.67 1.70
C SER A 44 -14.20 26.70 0.89
N SER A 45 -13.55 25.84 0.12
CA SER A 45 -14.29 24.87 -0.66
C SER A 45 -14.40 23.56 0.11
N LEU A 46 -15.51 22.88 -0.07
CA LEU A 46 -15.71 21.57 0.51
C LEU A 46 -16.48 20.78 -0.49
N GLY A 47 -15.97 19.60 -0.77
CA GLY A 47 -16.67 18.67 -1.61
C GLY A 47 -16.51 17.30 -1.01
N ARG A 48 -17.56 16.51 -1.17
CA ARG A 48 -17.53 15.10 -0.85
C ARG A 48 -18.15 14.38 -2.01
N ALA A 49 -17.81 13.12 -2.13
CA ALA A 49 -18.28 12.31 -3.23
C ALA A 49 -18.29 10.91 -2.70
N PHE A 50 -19.38 10.20 -2.96
CA PHE A 50 -19.53 8.84 -2.52
C PHE A 50 -20.07 7.97 -3.62
N TYR A 51 -19.76 6.69 -3.52
CA TYR A 51 -20.41 5.72 -4.34
C TYR A 51 -21.88 5.68 -3.95
N SER A 52 -22.74 5.53 -4.94
CA SER A 52 -24.19 5.57 -4.72
C SER A 52 -24.75 4.36 -3.97
N ALA A 53 -24.02 3.25 -3.93
CA ALA A 53 -24.46 2.09 -3.16
C ALA A 53 -23.76 2.01 -1.82
N PRO A 54 -24.54 1.91 -0.72
CA PRO A 54 -23.93 1.72 0.59
C PRO A 54 -23.26 0.35 0.66
N ILE A 55 -22.31 0.25 1.58
CA ILE A 55 -21.49 -0.91 1.76
C ILE A 55 -21.70 -1.41 3.19
N GLN A 56 -21.93 -2.71 3.35
CA GLN A 56 -22.01 -3.29 4.69
C GLN A 56 -20.62 -3.50 5.26
N ILE A 57 -20.40 -2.96 6.45
CA ILE A 57 -19.10 -2.94 7.09
C ILE A 57 -19.03 -3.98 8.21
N TRP A 58 -20.16 -4.31 8.83
CA TRP A 58 -20.25 -5.42 9.76
C TRP A 58 -21.67 -5.92 9.97
N ASP A 59 -21.80 -7.06 10.62
CA ASP A 59 -23.10 -7.67 10.87
C ASP A 59 -23.18 -8.06 12.35
N ASN A 60 -24.10 -7.44 13.07
CA ASN A 60 -24.22 -7.65 14.52
C ASN A 60 -24.64 -9.07 14.92
N THR A 61 -25.35 -9.76 14.02
CA THR A 61 -25.81 -11.12 14.29
C THR A 61 -24.64 -12.10 14.30
N THR A 62 -23.77 -11.97 13.29
CA THR A 62 -22.58 -12.81 13.19
C THR A 62 -21.40 -12.22 13.96
N GLY A 63 -21.40 -10.90 14.15
CA GLY A 63 -20.24 -10.18 14.68
C GLY A 63 -19.11 -10.04 13.68
N ALA A 64 -19.37 -10.44 12.43
CA ALA A 64 -18.39 -10.32 11.35
C ALA A 64 -18.17 -8.86 10.95
N VAL A 65 -16.92 -8.53 10.62
CA VAL A 65 -16.53 -7.17 10.27
C VAL A 65 -15.86 -7.20 8.90
N ALA A 66 -16.21 -6.25 8.06
CA ALA A 66 -15.71 -6.20 6.70
C ALA A 66 -14.26 -5.78 6.64
N SER A 67 -13.56 -6.33 5.66
CA SER A 67 -12.32 -5.75 5.21
C SER A 67 -12.64 -4.93 3.96
N PHE A 68 -11.81 -3.95 3.68
CA PHE A 68 -12.03 -3.09 2.52
C PHE A 68 -10.73 -2.45 2.07
N ALA A 69 -10.72 -1.98 0.84
CA ALA A 69 -9.57 -1.31 0.30
C ALA A 69 -10.05 -0.27 -0.68
N THR A 70 -9.32 0.82 -0.78
CA THR A 70 -9.60 1.80 -1.79
C THR A 70 -8.32 2.42 -2.31
N SER A 71 -8.29 2.68 -3.60
CA SER A 71 -7.18 3.40 -4.18
C SER A 71 -7.78 4.52 -4.98
N PHE A 72 -7.03 5.61 -5.08
CA PHE A 72 -7.43 6.70 -5.92
C PHE A 72 -6.24 7.56 -6.30
N THR A 73 -6.38 8.29 -7.39
CA THR A 73 -5.36 9.23 -7.80
C THR A 73 -5.89 10.61 -7.52
N PHE A 74 -5.10 11.41 -6.82
CA PHE A 74 -5.51 12.77 -6.61
C PHE A 74 -4.46 13.77 -7.05
N ASN A 75 -4.94 14.91 -7.51
CA ASN A 75 -4.06 15.98 -7.87
C ASN A 75 -4.44 17.19 -7.07
N ILE A 76 -3.51 17.58 -6.20
CA ILE A 76 -3.64 18.78 -5.42
C ILE A 76 -2.63 19.76 -5.95
N ASP A 77 -3.13 20.83 -6.56
CA ASP A 77 -2.26 21.85 -7.12
C ASP A 77 -2.48 23.18 -6.40
N VAL A 78 -1.42 23.99 -6.35
CA VAL A 78 -1.44 25.25 -5.63
C VAL A 78 -0.91 26.33 -6.55
N PRO A 79 -1.68 27.41 -6.72
CA PRO A 79 -1.14 28.48 -7.56
C PRO A 79 0.07 29.16 -6.93
N ASN A 80 0.95 29.71 -7.78
CA ASN A 80 2.10 30.50 -7.32
C ASN A 80 1.65 31.62 -6.38
N ASN A 81 2.46 31.89 -5.35
CA ASN A 81 2.12 32.86 -4.30
C ASN A 81 1.25 32.28 -3.19
N SER A 82 0.61 31.14 -3.45
CA SER A 82 -0.20 30.49 -2.43
C SER A 82 0.55 29.34 -1.80
N GLY A 83 0.09 28.95 -0.61
CA GLY A 83 0.45 27.70 0.02
C GLY A 83 -0.73 26.74 -0.08
N PRO A 84 -0.51 25.46 0.21
CA PRO A 84 -1.61 24.51 0.14
C PRO A 84 -2.46 24.50 1.40
N ALA A 85 -3.73 24.13 1.25
CA ALA A 85 -4.63 23.90 2.38
C ALA A 85 -5.93 23.40 1.78
N ASP A 86 -6.63 22.48 2.44
CA ASP A 86 -6.25 21.87 3.73
C ASP A 86 -5.92 20.41 3.55
N GLY A 87 -6.47 19.84 2.49
CA GLY A 87 -6.23 18.47 2.15
C GLY A 87 -7.50 17.80 1.69
N LEU A 88 -7.42 16.48 1.62
CA LEU A 88 -8.57 15.70 1.27
C LEU A 88 -8.47 14.42 2.09
N ALA A 89 -9.57 13.69 2.14
CA ALA A 89 -9.60 12.46 2.88
C ALA A 89 -10.45 11.44 2.19
N PHE A 90 -10.06 10.19 2.29
CA PHE A 90 -10.97 9.12 1.99
C PHE A 90 -11.70 8.76 3.28
N VAL A 91 -13.00 8.52 3.16
CA VAL A 91 -13.84 8.35 4.33
C VAL A 91 -14.79 7.18 4.20
N LEU A 92 -15.06 6.55 5.35
CA LEU A 92 -16.23 5.67 5.53
C LEU A 92 -17.13 6.35 6.55
N LEU A 93 -18.39 6.50 6.16
CA LEU A 93 -19.32 7.27 6.94
C LEU A 93 -20.63 6.51 6.98
N PRO A 94 -21.47 6.79 7.98
CA PRO A 94 -22.81 6.18 7.97
C PRO A 94 -23.55 6.51 6.66
N VAL A 95 -24.40 5.59 6.22
CA VAL A 95 -25.31 5.86 5.10
C VAL A 95 -26.03 7.16 5.40
N GLY A 96 -26.18 8.00 4.37
CA GLY A 96 -26.89 9.26 4.51
C GLY A 96 -26.07 10.37 5.14
N SER A 97 -24.81 10.10 5.42
CA SER A 97 -23.96 11.07 6.09
C SER A 97 -23.78 12.34 5.24
N GLN A 98 -23.84 13.47 5.92
CA GLN A 98 -23.83 14.77 5.26
C GLN A 98 -22.53 15.45 5.65
N PRO A 99 -22.06 16.41 4.84
CA PRO A 99 -20.75 17.02 5.13
C PRO A 99 -20.69 17.72 6.48
N LYS A 100 -19.55 17.64 7.15
CA LYS A 100 -19.32 18.42 8.35
C LYS A 100 -18.50 19.65 7.96
N ASP A 101 -17.58 20.08 8.84
CA ASP A 101 -16.95 21.39 8.73
C ASP A 101 -15.83 21.50 7.71
N LYS A 102 -15.69 22.71 7.16
CA LYS A 102 -14.67 23.08 6.17
C LYS A 102 -13.29 23.13 6.78
N GLY A 103 -12.34 23.60 5.96
CA GLY A 103 -11.01 23.89 6.42
C GLY A 103 -10.39 22.67 7.02
N GLY A 104 -9.71 22.89 8.14
CA GLY A 104 -8.95 21.83 8.82
C GLY A 104 -9.76 20.64 9.28
N LEU A 105 -11.09 20.76 9.32
CA LEU A 105 -11.93 19.64 9.76
C LEU A 105 -12.44 18.75 8.62
N LEU A 106 -12.09 19.14 7.38
CA LEU A 106 -12.22 18.34 6.16
C LEU A 106 -13.61 17.85 5.75
N GLY A 107 -14.67 18.46 6.29
CA GLY A 107 -16.03 18.01 5.99
C GLY A 107 -16.39 16.76 6.73
N LEU A 108 -15.63 16.46 7.80
CA LEU A 108 -15.72 15.18 8.50
C LEU A 108 -16.07 15.29 9.95
N PHE A 109 -15.48 16.27 10.62
CA PHE A 109 -15.69 16.44 12.03
C PHE A 109 -16.13 17.83 12.32
N ASN A 110 -16.69 17.98 13.50
CA ASN A 110 -17.20 19.24 13.95
C ASN A 110 -16.36 19.76 15.09
N ASN A 111 -15.36 18.98 15.48
CA ASN A 111 -14.44 19.41 16.52
C ASN A 111 -13.06 18.74 16.43
N TYR A 112 -12.16 19.14 17.31
CA TYR A 112 -10.82 18.61 17.36
C TYR A 112 -10.62 17.59 18.48
N LYS A 113 -11.71 17.01 18.98
CA LYS A 113 -11.66 16.02 20.05
C LYS A 113 -12.16 14.66 19.55
N TYR A 114 -12.21 13.68 20.46
CA TYR A 114 -12.81 12.39 20.17
C TYR A 114 -14.33 12.46 20.22
N ASP A 115 -14.99 11.86 19.22
CA ASP A 115 -16.44 11.85 19.16
C ASP A 115 -16.90 10.46 18.73
N SER A 116 -17.34 9.65 19.69
CA SER A 116 -17.74 8.26 19.41
C SER A 116 -18.93 8.17 18.46
N ASN A 117 -19.78 9.19 18.46
CA ASN A 117 -20.92 9.24 17.56
C ASN A 117 -20.56 9.71 16.15
N ALA A 118 -19.32 10.09 15.92
CA ALA A 118 -18.93 10.50 14.56
C ALA A 118 -19.04 9.29 13.63
N HIS A 119 -18.78 8.11 14.18
CA HIS A 119 -18.79 6.86 13.45
C HIS A 119 -18.05 7.09 12.14
N THR A 120 -16.85 7.63 12.26
CA THR A 120 -16.08 8.05 11.11
C THR A 120 -14.71 7.46 11.16
N VAL A 121 -14.31 6.90 10.04
CA VAL A 121 -12.95 6.50 9.85
C VAL A 121 -12.50 7.23 8.62
N ALA A 122 -11.33 7.83 8.67
CA ALA A 122 -10.84 8.62 7.57
C ALA A 122 -9.36 8.53 7.48
N VAL A 123 -8.87 8.65 6.26
CA VAL A 123 -7.47 8.87 6.06
C VAL A 123 -7.36 10.21 5.37
N GLU A 124 -6.67 11.14 6.03
CA GLU A 124 -6.58 12.47 5.52
C GLU A 124 -5.19 12.80 5.06
N PHE A 125 -5.15 13.59 4.00
CA PHE A 125 -3.91 14.07 3.45
C PHE A 125 -3.91 15.55 3.72
N ASP A 126 -3.25 15.88 4.83
CA ASP A 126 -3.27 17.20 5.41
C ASP A 126 -2.16 18.04 4.82
N THR A 127 -2.53 18.97 3.95
CA THR A 127 -1.57 19.86 3.30
C THR A 127 -1.22 21.11 4.15
N LEU A 128 -1.82 21.21 5.34
CA LEU A 128 -1.63 22.38 6.20
C LEU A 128 -0.42 22.20 7.14
N TYR A 129 0.55 23.12 7.00
CA TYR A 129 1.78 23.07 7.79
C TYR A 129 1.74 24.02 9.01
N LYS A 136 3.19 21.13 13.43
CA LYS A 136 3.12 19.78 12.86
C LYS A 136 3.27 19.82 11.33
N PRO A 137 4.25 19.09 10.79
CA PRO A 137 4.47 19.15 9.34
C PRO A 137 3.31 18.52 8.56
N ARG A 138 3.24 18.81 7.26
CA ARG A 138 2.24 18.19 6.39
C ARG A 138 2.31 16.69 6.59
N HIS A 139 1.14 16.04 6.61
CA HIS A 139 1.09 14.63 6.99
C HIS A 139 -0.11 13.89 6.43
N ILE A 140 0.01 12.57 6.42
CA ILE A 140 -1.13 11.70 6.27
C ILE A 140 -1.53 11.24 7.66
N GLY A 141 -2.82 11.29 7.95
CA GLY A 141 -3.30 10.95 9.28
C GLY A 141 -4.38 9.92 9.18
N ILE A 142 -4.43 9.03 10.17
CA ILE A 142 -5.55 8.10 10.33
C ILE A 142 -6.50 8.68 11.36
N ASP A 143 -7.74 8.87 10.94
CA ASP A 143 -8.73 9.53 11.76
C ASP A 143 -9.81 8.58 12.22
N VAL A 144 -9.88 8.36 13.52
CA VAL A 144 -10.91 7.50 14.10
C VAL A 144 -11.73 8.32 15.05
N ASN A 145 -12.90 8.75 14.58
CA ASN A 145 -13.81 9.57 15.36
C ASN A 145 -13.19 10.90 15.81
N SER A 146 -12.14 11.32 15.12
CA SER A 146 -11.43 12.54 15.46
C SER A 146 -10.59 13.09 14.29
N ILE A 147 -10.52 14.41 14.17
CA ILE A 147 -9.60 15.03 13.24
C ILE A 147 -8.17 14.94 13.79
N LYS A 148 -8.06 14.71 15.10
CA LYS A 148 -6.75 14.52 15.70
C LYS A 148 -6.38 13.09 15.45
N SER A 149 -5.61 12.89 14.38
CA SER A 149 -5.24 11.57 13.95
C SER A 149 -4.68 10.79 15.12
N ILE A 150 -5.16 9.56 15.28
CA ILE A 150 -4.61 8.68 16.30
C ILE A 150 -3.16 8.37 15.92
N LYS A 151 -2.82 8.66 14.65
CA LYS A 151 -1.52 8.34 14.09
C LYS A 151 -1.26 9.12 12.80
N THR A 152 -0.08 9.72 12.70
CA THR A 152 0.28 10.51 11.54
C THR A 152 1.65 10.12 11.03
N THR A 153 1.95 10.55 9.82
CA THR A 153 3.30 10.44 9.27
C THR A 153 3.53 11.69 8.43
N THR A 154 4.74 12.23 8.52
CA THR A 154 5.14 13.36 7.69
C THR A 154 4.86 13.10 6.20
N TRP A 155 4.41 14.12 5.50
CA TRP A 155 4.11 14.04 4.08
C TRP A 155 4.76 15.22 3.38
N ASP A 156 5.72 14.95 2.51
CA ASP A 156 6.37 16.02 1.75
C ASP A 156 5.49 16.35 0.55
N PHE A 157 4.54 17.23 0.80
CA PHE A 157 3.58 17.54 -0.22
C PHE A 157 4.24 18.31 -1.34
N VAL A 158 3.88 17.99 -2.57
CA VAL A 158 4.36 18.74 -3.72
C VAL A 158 3.18 19.05 -4.62
N LYS A 159 3.02 20.33 -4.92
CA LYS A 159 1.88 20.80 -5.70
C LYS A 159 1.93 20.32 -7.14
N GLY A 160 0.74 20.05 -7.68
CA GLY A 160 0.57 19.80 -9.08
C GLY A 160 0.89 18.40 -9.51
N GLU A 161 1.49 17.64 -8.60
CA GLU A 161 1.88 16.27 -8.87
C GLU A 161 0.76 15.32 -8.45
N ASN A 162 0.33 14.48 -9.38
CA ASN A 162 -0.62 13.43 -9.08
C ASN A 162 -0.09 12.61 -7.92
N ALA A 163 -0.98 12.28 -6.99
CA ALA A 163 -0.65 11.46 -5.85
C ALA A 163 -1.54 10.22 -5.90
N GLU A 164 -0.94 9.07 -5.69
CA GLU A 164 -1.70 7.84 -5.72
C GLU A 164 -1.77 7.28 -4.33
N VAL A 165 -3.01 7.02 -3.91
CA VAL A 165 -3.27 6.62 -2.55
C VAL A 165 -3.83 5.23 -2.54
N LEU A 166 -3.42 4.48 -1.54
CA LEU A 166 -4.05 3.22 -1.22
C LEU A 166 -4.33 3.19 0.28
N ILE A 167 -5.55 2.79 0.61
CA ILE A 167 -5.96 2.66 2.00
C ILE A 167 -6.59 1.30 2.11
N THR A 168 -6.15 0.54 3.10
CA THR A 168 -6.68 -0.78 3.31
C THR A 168 -7.03 -0.93 4.77
N TYR A 169 -8.08 -1.70 5.01
CA TYR A 169 -8.44 -2.10 6.34
C TYR A 169 -8.66 -3.59 6.42
N ASP A 170 -7.95 -4.19 7.35
CA ASP A 170 -7.98 -5.61 7.58
C ASP A 170 -8.79 -5.83 8.86
N SER A 171 -9.96 -6.47 8.75
CA SER A 171 -10.85 -6.66 9.91
C SER A 171 -10.34 -7.66 10.93
N SER A 172 -9.42 -8.53 10.51
CA SER A 172 -8.84 -9.52 11.43
C SER A 172 -7.86 -8.91 12.41
N THR A 173 -6.93 -8.10 11.91
CA THR A 173 -5.93 -7.41 12.73
C THR A 173 -6.47 -6.08 13.22
N LYS A 174 -7.48 -5.59 12.52
CA LYS A 174 -8.07 -4.28 12.80
C LYS A 174 -7.16 -3.15 12.34
N LEU A 175 -6.15 -3.48 11.54
CA LEU A 175 -5.17 -2.47 11.13
C LEU A 175 -5.64 -1.67 9.92
N LEU A 176 -5.60 -0.35 10.05
CA LEU A 176 -5.88 0.49 8.92
C LEU A 176 -4.57 1.08 8.42
N VAL A 177 -4.33 0.97 7.12
CA VAL A 177 -3.09 1.44 6.50
C VAL A 177 -3.35 2.39 5.34
N ALA A 178 -2.61 3.49 5.32
CA ALA A 178 -2.77 4.49 4.27
C ALA A 178 -1.41 4.83 3.74
N SER A 179 -1.31 4.92 2.43
CA SER A 179 -0.06 5.21 1.76
C SER A 179 -0.29 6.17 0.62
N LEU A 180 0.70 7.02 0.38
CA LEU A 180 0.64 7.97 -0.72
C LEU A 180 1.93 7.91 -1.48
N VAL A 181 1.82 7.93 -2.81
CA VAL A 181 2.98 7.99 -3.68
C VAL A 181 2.82 9.09 -4.71
N TYR A 182 3.92 9.81 -4.96
CA TYR A 182 3.99 10.75 -6.08
C TYR A 182 4.77 10.10 -7.22
N PRO A 183 4.06 9.57 -8.24
CA PRO A 183 4.75 8.89 -9.34
C PRO A 183 5.89 9.71 -9.93
N SER A 184 5.61 10.93 -10.33
CA SER A 184 6.59 11.77 -11.04
C SER A 184 7.80 12.17 -10.18
N LEU A 185 7.61 12.19 -8.86
CA LEU A 185 8.66 12.55 -7.90
C LEU A 185 9.24 11.33 -7.22
N LYS A 186 8.54 10.20 -7.39
CA LYS A 186 8.85 8.93 -6.73
C LYS A 186 9.07 9.02 -5.22
N THR A 187 8.30 9.88 -4.56
CA THR A 187 8.27 9.90 -3.10
C THR A 187 7.07 9.12 -2.60
N SER A 188 7.12 8.69 -1.33
CA SER A 188 6.09 7.84 -0.78
C SER A 188 6.04 7.99 0.73
N PHE A 189 4.86 7.77 1.28
CA PHE A 189 4.61 7.99 2.70
C PHE A 189 3.55 7.00 3.14
N ILE A 190 3.61 6.61 4.41
CA ILE A 190 2.72 5.57 4.90
C ILE A 190 2.44 5.76 6.37
N VAL A 191 1.25 5.34 6.79
CA VAL A 191 0.82 5.42 8.18
C VAL A 191 -0.15 4.29 8.48
N SER A 192 -0.02 3.70 9.66
CA SER A 192 -0.83 2.55 10.03
C SER A 192 -1.22 2.64 11.48
N ASP A 193 -2.45 2.24 11.80
CA ASP A 193 -2.89 2.09 13.19
C ASP A 193 -4.08 1.15 13.27
N THR A 194 -4.37 0.64 14.48
CA THR A 194 -5.50 -0.26 14.63
C THR A 194 -6.78 0.54 14.84
N VAL A 195 -7.85 0.05 14.24
CA VAL A 195 -9.15 0.67 14.31
C VAL A 195 -10.14 -0.45 14.50
N ASP A 196 -10.91 -0.37 15.57
CA ASP A 196 -11.96 -1.31 15.82
C ASP A 196 -13.24 -0.76 15.18
N LEU A 197 -13.49 -1.15 13.92
CA LEU A 197 -14.64 -0.63 13.15
C LEU A 197 -15.98 -0.90 13.82
N LYS A 198 -16.15 -2.14 14.26
CA LYS A 198 -17.28 -2.61 15.03
C LYS A 198 -17.69 -1.63 16.14
N SER A 199 -16.71 -1.02 16.80
CA SER A 199 -17.01 -0.09 17.89
C SER A 199 -17.07 1.37 17.43
N VAL A 200 -16.79 1.59 16.15
CA VAL A 200 -16.69 2.93 15.58
C VAL A 200 -17.74 3.16 14.49
N LEU A 201 -17.88 2.23 13.56
CA LEU A 201 -18.75 2.44 12.40
C LEU A 201 -20.09 1.72 12.53
N PRO A 202 -21.13 2.22 11.81
CA PRO A 202 -22.38 1.47 11.72
C PRO A 202 -22.18 0.25 10.82
N GLU A 203 -23.13 -0.67 10.87
CA GLU A 203 -23.08 -1.88 10.05
C GLU A 203 -22.97 -1.56 8.55
N TRP A 204 -23.61 -0.48 8.13
CA TRP A 204 -23.54 -0.04 6.75
C TRP A 204 -22.95 1.35 6.67
N VAL A 205 -22.16 1.56 5.62
CA VAL A 205 -21.49 2.83 5.41
C VAL A 205 -21.55 3.24 3.94
N ILE A 206 -21.23 4.49 3.68
CA ILE A 206 -20.91 4.95 2.34
C ILE A 206 -19.45 5.28 2.33
N VAL A 207 -18.83 5.12 1.18
CA VAL A 207 -17.41 5.37 1.08
C VAL A 207 -17.17 6.42 0.02
N GLY A 208 -16.13 7.22 0.24
CA GLY A 208 -15.74 8.18 -0.77
C GLY A 208 -14.79 9.18 -0.19
N PHE A 209 -14.97 10.43 -0.59
CA PHE A 209 -13.98 11.45 -0.36
C PHE A 209 -14.55 12.70 0.19
N THR A 210 -13.65 13.46 0.77
CA THR A 210 -13.94 14.77 1.25
C THR A 210 -12.67 15.56 1.10
N ALA A 211 -12.81 16.83 0.73
CA ALA A 211 -11.65 17.69 0.60
C ALA A 211 -12.05 19.08 0.91
N THR A 212 -11.09 19.86 1.38
CA THR A 212 -11.32 21.25 1.64
C THR A 212 -10.10 22.05 1.19
N THR A 213 -10.36 23.31 0.90
CA THR A 213 -9.30 24.25 0.63
C THR A 213 -9.17 25.11 1.85
N GLY A 214 -8.07 25.85 1.93
CA GLY A 214 -7.83 26.72 3.05
C GLY A 214 -8.88 27.80 3.14
N ILE A 215 -8.90 28.42 4.31
CA ILE A 215 -9.86 29.44 4.67
C ILE A 215 -9.27 30.82 4.36
N THR A 216 -7.96 30.95 4.50
CA THR A 216 -7.28 32.24 4.34
C THR A 216 -6.51 32.33 3.02
N LYS A 217 -6.57 33.49 2.38
CA LYS A 217 -5.91 33.75 1.10
C LYS A 217 -4.44 33.32 1.12
N GLY A 218 -4.00 32.73 0.03
CA GLY A 218 -2.67 32.15 -0.02
C GLY A 218 -2.57 30.76 0.59
N ASN A 219 -3.73 30.17 0.91
CA ASN A 219 -3.80 28.81 1.45
C ASN A 219 -4.91 28.05 0.74
N VAL A 220 -4.59 27.55 -0.45
CA VAL A 220 -5.59 27.03 -1.34
C VAL A 220 -4.97 25.93 -2.19
N GLU A 221 -5.82 25.09 -2.76
CA GLU A 221 -5.38 24.00 -3.60
C GLU A 221 -6.55 23.44 -4.38
N THR A 222 -6.25 22.74 -5.47
CA THR A 222 -7.26 21.93 -6.12
C THR A 222 -7.28 20.61 -5.38
N ASN A 223 -8.40 19.92 -5.40
CA ASN A 223 -8.49 18.61 -4.77
C ASN A 223 -9.21 17.64 -5.72
N ASP A 224 -8.49 17.26 -6.76
CA ASP A 224 -9.11 16.49 -7.79
C ASP A 224 -8.81 15.02 -7.58
N ILE A 225 -9.85 14.21 -7.66
CA ILE A 225 -9.67 12.78 -7.76
C ILE A 225 -9.73 12.44 -9.24
N LEU A 226 -8.69 11.80 -9.74
CA LEU A 226 -8.59 11.48 -11.15
C LEU A 226 -9.12 10.07 -11.46
N SER A 227 -8.99 9.17 -10.49
CA SER A 227 -9.53 7.82 -10.63
C SER A 227 -9.80 7.28 -9.25
N TRP A 228 -10.65 6.27 -9.16
CA TRP A 228 -11.00 5.67 -7.87
C TRP A 228 -11.48 4.23 -7.98
N SER A 229 -10.99 3.42 -7.06
CA SER A 229 -11.40 2.05 -6.92
C SER A 229 -11.71 1.75 -5.48
N PHE A 230 -12.77 0.98 -5.26
CA PHE A 230 -13.12 0.51 -3.93
C PHE A 230 -13.58 -0.94 -3.97
N ALA A 231 -13.27 -1.66 -2.90
CA ALA A 231 -13.76 -3.02 -2.68
C ALA A 231 -13.93 -3.25 -1.19
N SER A 232 -14.89 -4.08 -0.84
CA SER A 232 -15.07 -4.51 0.52
C SER A 232 -15.66 -5.89 0.53
N LYS A 233 -15.29 -6.67 1.54
CA LYS A 233 -15.78 -8.02 1.70
C LYS A 233 -16.26 -8.19 3.14
N LEU A 234 -17.45 -8.74 3.29
CA LEU A 234 -18.01 -9.04 4.58
C LEU A 234 -18.42 -10.51 4.66
N SER A 235 -17.73 -11.26 5.51
CA SER A 235 -18.13 -12.61 5.86
C SER A 235 -19.36 -12.57 6.77
N ALA B 1 -6.08 -8.25 -21.89
CA ALA B 1 -5.68 -9.41 -22.70
C ALA B 1 -5.24 -10.56 -21.81
N SER B 2 -4.47 -10.26 -20.77
CA SER B 2 -4.04 -11.28 -19.81
C SER B 2 -4.21 -10.81 -18.39
N GLN B 3 -4.76 -11.69 -17.56
CA GLN B 3 -4.90 -11.49 -16.12
C GLN B 3 -4.47 -12.76 -15.40
N THR B 4 -3.76 -12.60 -14.29
CA THR B 4 -3.45 -13.70 -13.39
C THR B 4 -3.61 -13.18 -11.96
N SER B 5 -4.16 -14.02 -11.09
CA SER B 5 -4.21 -13.68 -9.67
C SER B 5 -4.40 -14.93 -8.82
N PHE B 6 -3.72 -14.98 -7.68
CA PHE B 6 -3.90 -16.07 -6.74
C PHE B 6 -3.79 -15.53 -5.32
N SER B 7 -4.27 -16.32 -4.37
CA SER B 7 -4.30 -15.90 -2.99
C SER B 7 -4.31 -17.12 -2.07
N PHE B 8 -3.35 -17.19 -1.15
CA PHE B 8 -3.24 -18.29 -0.18
C PHE B 8 -3.00 -17.78 1.23
N GLN B 9 -3.81 -18.25 2.17
CA GLN B 9 -3.64 -17.96 3.60
C GLN B 9 -2.90 -19.12 4.25
N ARG B 10 -2.85 -20.21 3.51
CA ARG B 10 -2.17 -21.40 3.92
C ARG B 10 -1.42 -21.83 2.68
N PHE B 11 -0.14 -22.10 2.82
CA PHE B 11 0.63 -22.52 1.68
C PHE B 11 0.60 -24.00 1.50
N ASN B 12 0.98 -24.39 0.30
CA ASN B 12 1.11 -25.77 -0.04
C ASN B 12 2.18 -25.86 -1.10
N GLU B 13 3.10 -26.81 -0.91
CA GLU B 13 4.06 -27.19 -1.94
C GLU B 13 3.48 -27.16 -3.37
N THR B 14 2.23 -27.61 -3.53
CA THR B 14 1.68 -28.05 -4.83
C THR B 14 1.71 -26.98 -5.92
N ASN B 15 1.33 -25.75 -5.58
CA ASN B 15 1.32 -24.65 -6.55
C ASN B 15 2.47 -23.66 -6.36
N LEU B 16 3.49 -24.06 -5.62
CA LEU B 16 4.66 -23.21 -5.43
C LEU B 16 5.89 -23.80 -6.08
N ILE B 17 6.82 -22.94 -6.46
CA ILE B 17 8.17 -23.37 -6.79
C ILE B 17 9.03 -22.98 -5.60
N LEU B 18 9.43 -23.99 -4.82
CA LEU B 18 10.23 -23.76 -3.62
C LEU B 18 11.68 -23.98 -3.94
N GLN B 19 12.52 -23.04 -3.51
CA GLN B 19 13.93 -23.06 -3.84
C GLN B 19 14.76 -23.01 -2.58
N ARG B 20 15.80 -23.84 -2.56
CA ARG B 20 16.75 -23.88 -1.47
C ARG B 20 16.08 -24.26 -0.14
N ASP B 21 16.20 -23.43 0.89
CA ASP B 21 15.75 -23.80 2.23
C ASP B 21 14.28 -23.51 2.45
N ALA B 22 13.61 -23.00 1.42
CA ALA B 22 12.19 -22.69 1.52
C ALA B 22 11.36 -23.94 1.75
N THR B 23 10.52 -23.92 2.78
CA THR B 23 9.63 -25.04 3.07
C THR B 23 8.23 -24.55 3.34
N VAL B 24 7.28 -25.47 3.28
CA VAL B 24 5.95 -25.22 3.78
C VAL B 24 5.76 -26.14 4.97
N SER B 25 5.55 -25.54 6.15
CA SER B 25 5.41 -26.29 7.38
C SER B 25 4.04 -26.97 7.45
N SER B 26 3.86 -27.88 8.40
CA SER B 26 2.61 -28.64 8.51
C SER B 26 1.44 -27.73 8.88
N LYS B 27 1.79 -26.54 9.37
CA LYS B 27 0.84 -25.47 9.66
C LYS B 27 0.59 -24.62 8.41
N GLY B 28 1.25 -24.95 7.31
CA GLY B 28 1.04 -24.24 6.04
C GLY B 28 1.73 -22.90 5.97
N GLN B 29 2.80 -22.73 6.75
CA GLN B 29 3.63 -21.53 6.69
C GLN B 29 4.73 -21.71 5.65
N LEU B 30 4.99 -20.67 4.89
CA LEU B 30 6.12 -20.66 3.99
C LEU B 30 7.35 -20.18 4.75
N ARG B 31 8.20 -21.13 5.11
CA ARG B 31 9.40 -20.79 5.84
C ARG B 31 10.51 -20.68 4.80
N LEU B 32 10.93 -19.46 4.48
CA LEU B 32 11.87 -19.25 3.40
C LEU B 32 13.27 -19.68 3.78
N THR B 33 13.64 -19.45 5.04
CA THR B 33 14.93 -19.90 5.55
C THR B 33 14.75 -20.99 6.58
N ASN B 34 15.84 -21.66 6.91
CA ASN B 34 15.75 -22.84 7.73
C ASN B 34 15.48 -22.56 9.22
N VAL B 35 14.63 -23.39 9.78
CA VAL B 35 14.39 -23.43 11.21
C VAL B 35 14.63 -24.87 11.64
N ASN B 36 15.46 -25.08 12.66
CA ASN B 36 15.69 -26.44 13.14
C ASN B 36 14.51 -26.99 13.96
N ASP B 37 14.55 -28.27 14.30
CA ASP B 37 13.47 -28.85 15.11
C ASP B 37 13.43 -28.35 16.56
N ASN B 38 14.51 -27.71 17.01
CA ASN B 38 14.51 -27.00 18.30
C ASN B 38 13.89 -25.61 18.16
N GLY B 39 13.36 -25.31 16.97
CA GLY B 39 12.62 -24.09 16.71
C GLY B 39 13.47 -22.88 16.36
N GLU B 40 14.78 -23.08 16.23
CA GLU B 40 15.70 -21.95 16.05
C GLU B 40 16.13 -21.77 14.59
N PRO B 41 16.21 -20.50 14.13
CA PRO B 41 16.64 -20.26 12.77
C PRO B 41 18.13 -20.45 12.67
N THR B 42 18.60 -20.90 11.51
CA THR B 42 20.00 -21.27 11.43
C THR B 42 20.73 -20.31 10.52
N LEU B 43 22.04 -20.20 10.73
CA LEU B 43 22.89 -19.29 9.96
C LEU B 43 23.05 -19.73 8.51
N SER B 44 23.44 -18.80 7.65
CA SER B 44 23.79 -19.07 6.24
C SER B 44 22.66 -19.76 5.47
N SER B 45 21.44 -19.33 5.77
CA SER B 45 20.28 -19.90 5.13
C SER B 45 19.81 -19.00 4.01
N LEU B 46 19.30 -19.62 2.96
CA LEU B 46 18.69 -18.92 1.85
C LEU B 46 17.56 -19.80 1.38
N GLY B 47 16.44 -19.18 1.07
CA GLY B 47 15.31 -19.90 0.51
C GLY B 47 14.55 -18.98 -0.40
N ARG B 48 13.89 -19.56 -1.39
CA ARG B 48 13.00 -18.82 -2.26
C ARG B 48 11.78 -19.62 -2.57
N ALA B 49 10.71 -18.92 -2.89
CA ALA B 49 9.47 -19.55 -3.26
C ALA B 49 8.75 -18.69 -4.28
N PHE B 50 8.20 -19.35 -5.28
CA PHE B 50 7.55 -18.68 -6.39
C PHE B 50 6.22 -19.32 -6.68
N TYR B 51 5.30 -18.54 -7.22
CA TYR B 51 4.07 -19.09 -7.75
C TYR B 51 4.46 -19.88 -8.97
N SER B 52 3.73 -20.95 -9.25
CA SER B 52 4.22 -21.86 -10.25
C SER B 52 3.92 -21.41 -11.67
N ALA B 53 2.91 -20.56 -11.84
CA ALA B 53 2.57 -20.09 -13.18
C ALA B 53 3.31 -18.80 -13.51
N PRO B 54 4.07 -18.79 -14.62
CA PRO B 54 4.72 -17.57 -15.04
C PRO B 54 3.73 -16.47 -15.33
N ILE B 55 4.18 -15.24 -15.14
CA ILE B 55 3.35 -14.07 -15.32
C ILE B 55 3.87 -13.29 -16.51
N GLN B 56 3.00 -12.94 -17.44
CA GLN B 56 3.40 -12.07 -18.54
C GLN B 56 3.39 -10.64 -18.07
N ILE B 57 4.54 -9.97 -18.16
CA ILE B 57 4.60 -8.59 -17.72
C ILE B 57 4.85 -7.56 -18.83
N TRP B 58 5.05 -8.03 -20.07
CA TRP B 58 4.99 -7.15 -21.25
C TRP B 58 5.01 -7.94 -22.55
N ASP B 59 4.59 -7.32 -23.63
CA ASP B 59 4.84 -7.86 -24.96
C ASP B 59 5.30 -6.78 -25.93
N ASN B 60 6.41 -7.06 -26.61
CA ASN B 60 7.09 -6.09 -27.48
C ASN B 60 6.28 -5.77 -28.72
N THR B 61 5.47 -6.73 -29.18
CA THR B 61 4.59 -6.55 -30.33
C THR B 61 3.72 -5.30 -30.18
N THR B 62 3.09 -5.16 -29.02
CA THR B 62 2.18 -4.07 -28.76
C THR B 62 2.84 -2.97 -27.91
N GLY B 63 3.88 -3.32 -27.17
CA GLY B 63 4.55 -2.39 -26.26
C GLY B 63 3.82 -2.22 -24.92
N ALA B 64 2.88 -3.12 -24.65
CA ALA B 64 2.17 -3.12 -23.38
C ALA B 64 3.07 -3.68 -22.27
N VAL B 65 2.99 -3.08 -21.09
CA VAL B 65 3.74 -3.52 -19.93
C VAL B 65 2.74 -3.81 -18.82
N ALA B 66 2.93 -4.91 -18.12
CA ALA B 66 1.96 -5.31 -17.11
C ALA B 66 2.04 -4.44 -15.89
N SER B 67 0.89 -4.30 -15.24
CA SER B 67 0.83 -3.80 -13.89
C SER B 67 0.67 -5.01 -13.00
N PHE B 68 1.13 -4.90 -11.77
CA PHE B 68 1.01 -6.02 -10.85
C PHE B 68 1.01 -5.54 -9.42
N ALA B 69 0.65 -6.46 -8.54
CA ALA B 69 0.56 -6.18 -7.11
C ALA B 69 0.66 -7.49 -6.38
N THR B 70 1.37 -7.46 -5.26
CA THR B 70 1.45 -8.60 -4.40
C THR B 70 1.39 -8.18 -2.94
N SER B 71 0.77 -9.00 -2.11
CA SER B 71 0.81 -8.79 -0.67
C SER B 71 1.15 -10.10 0.02
N PHE B 72 1.78 -9.99 1.17
CA PHE B 72 2.16 -11.13 1.93
C PHE B 72 2.39 -10.74 3.37
N THR B 73 2.25 -11.74 4.24
CA THR B 73 2.52 -11.58 5.65
C THR B 73 3.74 -12.40 5.92
N PHE B 74 4.71 -11.79 6.61
CA PHE B 74 5.88 -12.51 7.03
C PHE B 74 6.19 -12.37 8.52
N ASN B 75 6.95 -13.32 9.03
CA ASN B 75 7.41 -13.25 10.39
C ASN B 75 8.89 -13.49 10.37
N ILE B 76 9.64 -12.48 10.78
CA ILE B 76 11.07 -12.60 11.02
C ILE B 76 11.27 -12.59 12.54
N ASP B 77 11.68 -13.72 13.09
CA ASP B 77 11.97 -13.82 14.52
C ASP B 77 13.47 -14.07 14.74
N VAL B 78 13.98 -13.61 15.87
CA VAL B 78 15.40 -13.72 16.23
C VAL B 78 15.52 -14.40 17.60
N PRO B 79 16.42 -15.39 17.72
CA PRO B 79 16.62 -16.01 19.05
C PRO B 79 17.24 -15.02 20.01
N ASN B 80 16.98 -15.20 21.32
CA ASN B 80 17.57 -14.34 22.33
C ASN B 80 19.08 -14.36 22.24
N ASN B 81 19.70 -13.21 22.49
CA ASN B 81 21.15 -13.03 22.42
C ASN B 81 21.70 -13.12 20.99
N SER B 82 20.81 -12.90 20.01
CA SER B 82 21.18 -12.77 18.62
C SER B 82 20.65 -11.46 18.05
N GLY B 83 21.27 -11.03 16.96
CA GLY B 83 20.76 -9.95 16.13
C GLY B 83 20.16 -10.52 14.84
N PRO B 84 19.42 -9.70 14.10
CA PRO B 84 18.85 -10.22 12.86
C PRO B 84 19.80 -10.09 11.68
N ALA B 85 19.67 -11.01 10.73
CA ALA B 85 20.26 -10.89 9.41
C ALA B 85 19.65 -12.03 8.61
N ASP B 86 19.48 -11.88 7.30
CA ASP B 86 19.84 -10.69 6.53
C ASP B 86 18.64 -10.00 5.96
N GLY B 87 17.52 -10.73 5.88
CA GLY B 87 16.31 -10.18 5.32
C GLY B 87 15.61 -11.13 4.36
N LEU B 88 14.51 -10.66 3.81
CA LEU B 88 13.78 -11.36 2.76
C LEU B 88 13.38 -10.34 1.71
N ALA B 89 12.97 -10.82 0.54
CA ALA B 89 12.57 -9.94 -0.53
C ALA B 89 11.45 -10.57 -1.32
N PHE B 90 10.59 -9.73 -1.87
CA PHE B 90 9.70 -10.17 -2.93
C PHE B 90 10.41 -9.86 -4.22
N VAL B 91 10.27 -10.73 -5.19
CA VAL B 91 11.02 -10.58 -6.43
C VAL B 91 10.20 -10.91 -7.67
N LEU B 92 10.55 -10.22 -8.76
CA LEU B 92 10.20 -10.64 -10.10
C LEU B 92 11.47 -11.01 -10.82
N LEU B 93 11.47 -12.21 -11.35
CA LEU B 93 12.64 -12.79 -11.89
C LEU B 93 12.31 -13.45 -13.21
N PRO B 94 13.31 -13.56 -14.10
CA PRO B 94 13.07 -14.33 -15.31
C PRO B 94 12.46 -15.69 -14.96
N VAL B 95 11.60 -16.21 -15.82
CA VAL B 95 11.10 -17.57 -15.65
C VAL B 95 12.35 -18.44 -15.54
N GLY B 96 12.34 -19.35 -14.56
CA GLY B 96 13.43 -20.29 -14.37
C GLY B 96 14.56 -19.76 -13.52
N SER B 97 14.40 -18.54 -12.98
CA SER B 97 15.45 -17.94 -12.17
C SER B 97 15.70 -18.79 -10.93
N GLN B 98 16.97 -18.84 -10.52
CA GLN B 98 17.41 -19.67 -9.42
C GLN B 98 18.14 -18.86 -8.35
N PRO B 99 18.24 -19.37 -7.11
CA PRO B 99 18.79 -18.54 -6.03
C PRO B 99 20.21 -18.09 -6.27
N LYS B 100 20.53 -16.86 -5.88
CA LYS B 100 21.88 -16.34 -6.00
C LYS B 100 22.61 -16.40 -4.65
N ASP B 101 23.48 -15.44 -4.37
CA ASP B 101 24.34 -15.50 -3.21
C ASP B 101 23.65 -15.21 -1.88
N LYS B 102 24.18 -15.82 -0.82
CA LYS B 102 23.62 -15.77 0.51
C LYS B 102 23.86 -14.43 1.17
N GLY B 103 23.45 -14.33 2.43
CA GLY B 103 23.81 -13.21 3.27
C GLY B 103 23.22 -11.94 2.73
N GLY B 104 24.04 -10.90 2.71
CA GLY B 104 23.61 -9.59 2.27
C GLY B 104 23.10 -9.54 0.83
N LEU B 105 23.51 -10.51 0.02
CA LEU B 105 23.11 -10.52 -1.39
C LEU B 105 21.71 -11.10 -1.62
N LEU B 106 21.14 -11.68 -0.57
CA LEU B 106 19.72 -12.06 -0.48
C LEU B 106 19.23 -13.11 -1.45
N GLY B 107 20.15 -13.85 -2.06
CA GLY B 107 19.77 -14.82 -3.08
C GLY B 107 19.37 -14.16 -4.37
N LEU B 108 19.68 -12.87 -4.53
CA LEU B 108 19.26 -12.13 -5.73
C LEU B 108 20.40 -11.67 -6.63
N PHE B 109 21.58 -11.47 -6.04
CA PHE B 109 22.74 -11.03 -6.79
C PHE B 109 23.97 -11.80 -6.38
N ASN B 110 25.02 -11.65 -7.19
CA ASN B 110 26.29 -12.29 -6.99
C ASN B 110 27.37 -11.32 -6.52
N ASN B 111 27.16 -10.04 -6.79
CA ASN B 111 28.06 -8.99 -6.34
C ASN B 111 27.29 -7.77 -5.89
N TYR B 112 28.01 -6.77 -5.39
CA TYR B 112 27.43 -5.53 -4.93
C TYR B 112 27.37 -4.48 -6.04
N LYS B 113 27.69 -4.90 -7.27
CA LYS B 113 27.75 -3.99 -8.42
C LYS B 113 26.51 -4.08 -9.31
N TYR B 114 26.20 -2.99 -10.02
CA TYR B 114 25.10 -2.97 -10.97
C TYR B 114 25.30 -4.00 -12.07
N ASP B 115 24.24 -4.76 -12.36
CA ASP B 115 24.28 -5.84 -13.33
C ASP B 115 23.03 -5.78 -14.20
N SER B 116 23.18 -5.26 -15.41
CA SER B 116 22.05 -5.11 -16.36
C SER B 116 21.40 -6.44 -16.76
N ASN B 117 22.17 -7.52 -16.71
CA ASN B 117 21.68 -8.86 -17.08
C ASN B 117 20.94 -9.58 -15.94
N ALA B 118 20.84 -8.94 -14.79
CA ALA B 118 20.16 -9.53 -13.64
C ALA B 118 18.67 -9.68 -13.93
N HIS B 119 18.14 -8.78 -14.77
CA HIS B 119 16.71 -8.76 -15.10
C HIS B 119 15.92 -8.99 -13.81
N THR B 120 16.32 -8.26 -12.77
CA THR B 120 15.80 -8.43 -11.42
C THR B 120 15.18 -7.14 -10.93
N VAL B 121 13.95 -7.26 -10.49
CA VAL B 121 13.29 -6.21 -9.76
C VAL B 121 12.91 -6.88 -8.46
N ALA B 122 13.30 -6.28 -7.35
CA ALA B 122 13.07 -6.88 -6.05
C ALA B 122 12.80 -5.81 -5.04
N VAL B 123 12.00 -6.16 -4.05
CA VAL B 123 11.79 -5.32 -2.91
C VAL B 123 12.35 -6.08 -1.73
N GLU B 124 13.42 -5.54 -1.14
CA GLU B 124 14.18 -6.21 -0.09
C GLU B 124 13.88 -5.64 1.29
N PHE B 125 13.77 -6.55 2.26
CA PHE B 125 13.62 -6.19 3.66
C PHE B 125 14.92 -6.58 4.36
N ASP B 126 15.81 -5.59 4.46
CA ASP B 126 17.17 -5.80 4.89
C ASP B 126 17.23 -5.68 6.41
N THR B 127 17.54 -6.77 7.09
CA THR B 127 17.65 -6.76 8.55
C THR B 127 19.08 -6.60 9.06
N LEU B 128 20.04 -6.46 8.14
CA LEU B 128 21.44 -6.36 8.52
C LEU B 128 21.88 -4.91 8.79
N TYR B 129 22.31 -4.67 10.03
CA TYR B 129 22.93 -3.41 10.43
C TYR B 129 24.31 -3.67 11.02
N LYS B 136 24.64 1.90 8.32
CA LYS B 136 23.42 1.95 7.50
C LYS B 136 22.27 1.16 8.14
N PRO B 137 21.21 1.86 8.57
CA PRO B 137 20.09 1.26 9.31
C PRO B 137 19.34 0.21 8.50
N ARG B 138 18.62 -0.67 9.20
CA ARG B 138 17.81 -1.69 8.57
C ARG B 138 16.80 -1.02 7.67
N HIS B 139 16.57 -1.58 6.50
CA HIS B 139 15.81 -0.86 5.48
C HIS B 139 14.98 -1.77 4.59
N ILE B 140 14.04 -1.15 3.88
CA ILE B 140 13.38 -1.75 2.74
C ILE B 140 14.04 -1.07 1.56
N GLY B 141 14.36 -1.85 0.54
CA GLY B 141 15.04 -1.30 -0.60
C GLY B 141 14.41 -1.83 -1.86
N ILE B 142 14.39 -0.97 -2.88
CA ILE B 142 14.02 -1.39 -4.21
C ILE B 142 15.29 -1.74 -4.98
N ASP B 143 15.32 -2.97 -5.46
CA ASP B 143 16.44 -3.45 -6.20
C ASP B 143 16.11 -3.57 -7.66
N VAL B 144 16.89 -2.88 -8.47
CA VAL B 144 16.83 -3.02 -9.92
C VAL B 144 18.23 -3.39 -10.38
N ASN B 145 18.40 -4.66 -10.73
CA ASN B 145 19.67 -5.13 -11.27
C ASN B 145 20.85 -4.82 -10.35
N SER B 146 20.61 -4.68 -9.04
CA SER B 146 21.65 -4.46 -8.04
C SER B 146 21.15 -4.64 -6.59
N ILE B 147 22.03 -5.10 -5.71
CA ILE B 147 21.73 -5.16 -4.27
C ILE B 147 21.92 -3.77 -3.65
N LYS B 148 22.61 -2.88 -4.36
CA LYS B 148 22.70 -1.51 -3.92
C LYS B 148 21.41 -0.87 -4.38
N SER B 149 20.41 -0.97 -3.51
CA SER B 149 19.08 -0.50 -3.79
C SER B 149 19.16 0.88 -4.43
N ILE B 150 18.38 1.08 -5.48
CA ILE B 150 18.33 2.37 -6.15
C ILE B 150 17.65 3.39 -5.24
N LYS B 151 16.90 2.87 -4.26
CA LYS B 151 16.22 3.64 -3.24
C LYS B 151 15.89 2.76 -2.05
N THR B 152 16.06 3.32 -0.85
CA THR B 152 15.81 2.61 0.39
C THR B 152 15.00 3.49 1.30
N THR B 153 14.33 2.86 2.26
CA THR B 153 13.81 3.56 3.41
C THR B 153 14.17 2.77 4.66
N THR B 154 14.34 3.49 5.76
CA THR B 154 14.60 2.90 7.06
C THR B 154 13.45 1.95 7.44
N TRP B 155 13.82 0.82 8.03
CA TRP B 155 12.84 -0.11 8.53
C TRP B 155 13.16 -0.50 9.98
N ASP B 156 12.27 -0.15 10.90
CA ASP B 156 12.45 -0.45 12.32
C ASP B 156 11.98 -1.86 12.55
N PHE B 157 12.84 -2.78 12.14
CA PHE B 157 12.58 -4.20 12.25
C PHE B 157 12.34 -4.58 13.70
N VAL B 158 11.33 -5.43 13.94
CA VAL B 158 11.14 -6.03 15.25
C VAL B 158 10.91 -7.53 15.14
N LYS B 159 11.77 -8.27 15.83
CA LYS B 159 11.73 -9.73 15.81
C LYS B 159 10.38 -10.28 16.27
N GLY B 160 9.93 -11.30 15.55
CA GLY B 160 8.81 -12.14 15.98
C GLY B 160 7.45 -11.56 15.71
N GLU B 161 7.42 -10.39 15.09
CA GLU B 161 6.15 -9.72 14.82
C GLU B 161 5.77 -9.91 13.38
N ASN B 162 4.57 -10.43 13.15
CA ASN B 162 4.03 -10.57 11.80
C ASN B 162 4.13 -9.24 11.05
N ALA B 163 4.66 -9.28 9.84
CA ALA B 163 4.72 -8.09 8.97
C ALA B 163 3.90 -8.30 7.70
N GLU B 164 3.02 -7.34 7.41
CA GLU B 164 2.24 -7.38 6.19
C GLU B 164 2.86 -6.44 5.15
N VAL B 165 3.19 -7.00 4.00
CA VAL B 165 3.80 -6.24 2.93
C VAL B 165 2.85 -6.11 1.76
N LEU B 166 2.91 -4.96 1.10
CA LEU B 166 2.24 -4.80 -0.17
C LEU B 166 3.20 -4.18 -1.17
N ILE B 167 3.30 -4.78 -2.34
CA ILE B 167 4.11 -4.24 -3.40
C ILE B 167 3.25 -4.07 -4.64
N THR B 168 3.32 -2.90 -5.24
CA THR B 168 2.57 -2.61 -6.45
C THR B 168 3.49 -2.02 -7.51
N TYR B 169 3.15 -2.31 -8.76
CA TYR B 169 3.79 -1.66 -9.90
C TYR B 169 2.75 -1.20 -10.88
N ASP B 170 2.87 0.06 -11.30
CA ASP B 170 1.99 0.61 -12.31
C ASP B 170 2.80 0.85 -13.57
N SER B 171 2.48 0.11 -14.63
CA SER B 171 3.28 0.18 -15.86
C SER B 171 3.11 1.48 -16.63
N SER B 172 2.05 2.23 -16.36
CA SER B 172 1.86 3.55 -16.98
C SER B 172 2.88 4.55 -16.44
N THR B 173 3.10 4.52 -15.13
CA THR B 173 3.98 5.47 -14.44
C THR B 173 5.35 4.88 -14.22
N LYS B 174 5.45 3.57 -14.40
CA LYS B 174 6.67 2.82 -14.11
C LYS B 174 7.05 2.91 -12.63
N LEU B 175 6.07 3.17 -11.77
CA LEU B 175 6.33 3.31 -10.34
C LEU B 175 6.12 2.03 -9.55
N LEU B 176 7.18 1.62 -8.86
CA LEU B 176 7.15 0.52 -7.94
C LEU B 176 7.06 1.06 -6.52
N VAL B 177 6.12 0.52 -5.75
CA VAL B 177 5.92 0.94 -4.38
C VAL B 177 5.89 -0.31 -3.53
N ALA B 178 6.62 -0.28 -2.43
CA ALA B 178 6.65 -1.38 -1.47
C ALA B 178 6.39 -0.83 -0.09
N SER B 179 5.56 -1.53 0.69
CA SER B 179 5.27 -1.10 2.03
C SER B 179 5.18 -2.28 2.99
N LEU B 180 5.60 -2.04 4.23
CA LEU B 180 5.55 -3.05 5.28
C LEU B 180 4.83 -2.48 6.47
N VAL B 181 3.92 -3.26 7.04
CA VAL B 181 3.30 -2.88 8.29
C VAL B 181 3.44 -4.01 9.30
N TYR B 182 3.70 -3.66 10.56
CA TYR B 182 3.60 -4.62 11.64
C TYR B 182 2.26 -4.46 12.31
N PRO B 183 1.27 -5.29 11.95
CA PRO B 183 -0.07 -5.15 12.53
C PRO B 183 -0.10 -5.08 14.06
N SER B 184 0.77 -5.80 14.75
CA SER B 184 0.72 -5.77 16.21
C SER B 184 1.51 -4.61 16.86
N LEU B 185 2.46 -4.03 16.14
CA LEU B 185 3.18 -2.84 16.63
C LEU B 185 2.61 -1.58 16.02
N LYS B 186 1.82 -1.77 14.96
CA LYS B 186 1.15 -0.70 14.24
C LYS B 186 2.16 0.20 13.52
N THR B 187 3.34 -0.34 13.22
CA THR B 187 4.37 0.44 12.54
C THR B 187 4.36 0.15 11.04
N SER B 188 4.83 1.09 10.23
CA SER B 188 4.74 0.94 8.79
C SER B 188 5.83 1.70 8.07
N PHE B 189 6.20 1.20 6.89
CA PHE B 189 7.32 1.75 6.14
C PHE B 189 7.01 1.64 4.66
N ILE B 190 7.56 2.56 3.87
CA ILE B 190 7.25 2.60 2.45
C ILE B 190 8.43 3.16 1.66
N VAL B 191 8.57 2.70 0.44
CA VAL B 191 9.61 3.15 -0.47
C VAL B 191 9.07 3.05 -1.88
N SER B 192 9.47 3.97 -2.75
CA SER B 192 9.01 3.95 -4.13
C SER B 192 10.04 4.53 -5.08
N ASP B 193 10.08 3.99 -6.29
CA ASP B 193 10.95 4.51 -7.34
C ASP B 193 10.45 3.98 -8.67
N THR B 194 10.76 4.68 -9.75
CA THR B 194 10.40 4.22 -11.08
C THR B 194 11.32 3.08 -11.47
N VAL B 195 10.75 2.10 -12.14
CA VAL B 195 11.49 1.00 -12.70
C VAL B 195 10.95 0.82 -14.09
N ASP B 196 11.83 0.78 -15.08
CA ASP B 196 11.42 0.52 -16.44
C ASP B 196 11.47 -1.00 -16.62
N LEU B 197 10.39 -1.67 -16.22
CA LEU B 197 10.32 -3.14 -16.26
C LEU B 197 10.69 -3.66 -17.62
N LYS B 198 10.13 -3.03 -18.66
CA LYS B 198 10.34 -3.38 -20.05
C LYS B 198 11.82 -3.40 -20.43
N SER B 199 12.61 -2.52 -19.84
CA SER B 199 14.04 -2.48 -20.11
C SER B 199 14.87 -3.25 -19.07
N VAL B 200 14.19 -3.89 -18.12
CA VAL B 200 14.86 -4.60 -17.03
C VAL B 200 14.47 -6.07 -16.99
N LEU B 201 13.16 -6.32 -16.99
CA LEU B 201 12.63 -7.67 -16.92
C LEU B 201 12.29 -8.20 -18.30
N PRO B 202 12.33 -9.54 -18.47
CA PRO B 202 11.87 -10.14 -19.70
C PRO B 202 10.35 -10.09 -19.77
N GLU B 203 9.78 -10.50 -20.90
CA GLU B 203 8.34 -10.45 -21.13
C GLU B 203 7.55 -11.25 -20.09
N TRP B 204 8.12 -12.36 -19.66
CA TRP B 204 7.49 -13.24 -18.68
C TRP B 204 8.36 -13.34 -17.45
N VAL B 205 7.73 -13.38 -16.28
CA VAL B 205 8.47 -13.49 -15.05
C VAL B 205 7.83 -14.50 -14.11
N ILE B 206 8.61 -14.96 -13.15
CA ILE B 206 8.02 -15.66 -12.02
C ILE B 206 8.03 -14.69 -10.87
N VAL B 207 7.07 -14.85 -9.98
CA VAL B 207 6.92 -13.97 -8.86
C VAL B 207 6.97 -14.78 -7.58
N GLY B 208 7.62 -14.23 -6.56
CA GLY B 208 7.76 -14.90 -5.28
C GLY B 208 8.74 -14.23 -4.35
N PHE B 209 9.42 -15.03 -3.53
CA PHE B 209 10.20 -14.50 -2.42
C PHE B 209 11.58 -15.07 -2.36
N THR B 210 12.46 -14.32 -1.69
CA THR B 210 13.80 -14.79 -1.38
C THR B 210 14.17 -14.33 0.02
N ALA B 211 14.94 -15.10 0.75
CA ALA B 211 15.37 -14.69 2.08
C ALA B 211 16.69 -15.33 2.47
N THR B 212 17.48 -14.60 3.25
CA THR B 212 18.72 -15.13 3.82
C THR B 212 18.84 -14.82 5.30
N THR B 213 19.55 -15.70 6.01
CA THR B 213 19.93 -15.43 7.38
C THR B 213 21.38 -14.96 7.36
N GLY B 214 21.83 -14.40 8.50
CA GLY B 214 23.21 -13.95 8.65
C GLY B 214 24.19 -15.10 8.53
N ILE B 215 25.46 -14.74 8.47
CA ILE B 215 26.50 -15.73 8.25
C ILE B 215 27.41 -15.91 9.46
N THR B 216 27.45 -14.90 10.34
CA THR B 216 28.28 -14.99 11.55
C THR B 216 27.40 -15.12 12.78
N LYS B 217 27.90 -15.83 13.80
CA LYS B 217 27.13 -16.13 15.02
C LYS B 217 26.48 -14.92 15.66
N GLY B 218 25.21 -15.04 15.99
CA GLY B 218 24.44 -13.94 16.56
C GLY B 218 23.85 -12.99 15.53
N ASN B 219 23.81 -13.44 14.27
CA ASN B 219 23.08 -12.73 13.23
C ASN B 219 22.21 -13.74 12.46
N VAL B 220 20.99 -13.92 12.92
CA VAL B 220 20.14 -14.94 12.34
C VAL B 220 18.68 -14.56 12.52
N GLU B 221 17.81 -15.16 11.73
CA GLU B 221 16.37 -14.88 11.80
C GLU B 221 15.55 -15.94 11.10
N THR B 222 14.30 -16.09 11.52
CA THR B 222 13.30 -16.79 10.71
C THR B 222 12.85 -15.84 9.59
N ASN B 223 12.39 -16.41 8.50
CA ASN B 223 11.93 -15.64 7.35
C ASN B 223 10.70 -16.31 6.82
N ASP B 224 9.66 -16.27 7.64
CA ASP B 224 8.44 -17.02 7.36
C ASP B 224 7.45 -16.16 6.59
N ILE B 225 6.86 -16.73 5.54
CA ILE B 225 5.73 -16.09 4.84
C ILE B 225 4.44 -16.81 5.23
N LEU B 226 3.50 -16.08 5.81
CA LEU B 226 2.32 -16.72 6.37
C LEU B 226 1.14 -16.74 5.40
N SER B 227 1.12 -15.79 4.47
CA SER B 227 0.08 -15.69 3.46
C SER B 227 0.59 -14.86 2.28
N TRP B 228 -0.03 -15.04 1.13
CA TRP B 228 0.42 -14.38 -0.09
C TRP B 228 -0.68 -14.23 -1.14
N SER B 229 -0.77 -13.04 -1.73
CA SER B 229 -1.64 -12.75 -2.87
C SER B 229 -0.86 -12.05 -3.97
N PHE B 230 -1.21 -12.36 -5.21
CA PHE B 230 -0.59 -11.73 -6.36
C PHE B 230 -1.62 -11.56 -7.45
N ALA B 231 -1.52 -10.45 -8.17
CA ALA B 231 -2.34 -10.17 -9.34
C ALA B 231 -1.52 -9.40 -10.35
N SER B 232 -1.72 -9.70 -11.63
CA SER B 232 -1.13 -8.90 -12.71
C SER B 232 -2.04 -8.85 -13.92
N LYS B 233 -1.94 -7.76 -14.64
CA LYS B 233 -2.80 -7.46 -15.77
C LYS B 233 -1.93 -6.89 -16.88
N LEU B 234 -2.05 -7.46 -18.07
CA LEU B 234 -1.35 -6.97 -19.24
C LEU B 234 -2.37 -6.65 -20.31
N SER B 235 -2.31 -5.42 -20.82
CA SER B 235 -3.29 -4.90 -21.77
C SER B 235 -3.07 -5.35 -23.23
N ASN B 244 -5.92 -2.47 -10.69
CA ASN B 244 -6.99 -2.49 -9.71
C ASN B 244 -6.51 -3.08 -8.38
N LEU B 245 -5.81 -2.26 -7.62
CA LEU B 245 -5.20 -2.68 -6.36
C LEU B 245 -6.25 -2.92 -5.28
N ALA B 246 -7.23 -2.01 -5.19
CA ALA B 246 -8.32 -2.09 -4.21
C ALA B 246 -8.94 -3.48 -4.16
N ASN B 247 -9.49 -3.94 -5.28
CA ASN B 247 -10.05 -5.31 -5.41
C ASN B 247 -9.07 -6.37 -4.91
N PHE B 248 -7.78 -6.11 -5.18
CA PHE B 248 -6.71 -7.05 -4.88
C PHE B 248 -6.46 -7.29 -3.37
N ALA B 249 -6.33 -6.24 -2.57
CA ALA B 249 -6.20 -6.38 -1.11
C ALA B 249 -7.58 -6.54 -0.43
#